data_7JXE
#
_entry.id   7JXE
#
_cell.length_a   56.510
_cell.length_b   56.510
_cell.length_c   252.180
_cell.angle_alpha   90.000
_cell.angle_beta   90.000
_cell.angle_gamma   90.000
#
_symmetry.space_group_name_H-M   'P 43 21 2'
#
loop_
_entity.id
_entity.type
_entity.pdbx_description
1 polymer 'S2X35 antigen-binding (Fab) fragment'
2 polymer 'S2X35 antigen-binding (Fab) fragment'
3 water water
#
loop_
_entity_poly.entity_id
_entity_poly.type
_entity_poly.pdbx_seq_one_letter_code
_entity_poly.pdbx_strand_id
1 'polypeptide(L)'
;QVQLVQSGAEVKKPGASVKVSCKASGYTFTNYGISWVRQAPGQGLEWMGWISAYKGNTNYAQKLQGRVTMTTDTSTSTAY
MELRSLRSDDTAVYYCARPDYQVLGYDFWIGYYGMDVWGQGTTVIVSSASTKGPSVFPLAPSSKSTSGGTAALGCLVKDY
FPEPVTVSWNSGALTSGVHTFPAVLQSSGLYSLSSVVTVPSSSLGTQTYICNVNHKPSNTKVDKKVEPKSC
;
H
2 'polypeptide(L)'
;QSVLTQPPSVSGAPGQRVTISCTGSSSNIGAGYDVHWYQQLPGTAPKLLIYGNTNRPSGVPDRFSGSKSGTSASLAITGL
QAEDEADYYCQSYDSSLSGSEVVFGGGTKLTVLGQPKAAPSVTLFPPSSEELQANKATLVCLISDFYPGAVTVAWKADSS
PVKAGVETTTPSKQSNNKYAASSYLSLTPEQWKSHRSYSCQVTHEGSTVEKTVAPTECS
;
L
#
# COMPACT_ATOMS: atom_id res chain seq x y z
N GLN A 1 -22.42 15.20 15.95
CA GLN A 1 -21.21 15.16 15.15
C GLN A 1 -20.12 14.35 15.86
N VAL A 2 -20.26 13.04 15.87
CA VAL A 2 -19.29 12.15 16.50
C VAL A 2 -18.09 11.99 15.57
N GLN A 3 -16.89 12.20 16.12
CA GLN A 3 -15.67 12.00 15.35
C GLN A 3 -14.48 11.88 16.28
N LEU A 4 -13.40 11.33 15.74
CA LEU A 4 -12.11 11.22 16.41
C LEU A 4 -11.05 11.88 15.56
N VAL A 5 -10.24 12.74 16.16
CA VAL A 5 -9.20 13.48 15.45
C VAL A 5 -7.85 13.09 16.01
N GLN A 6 -6.97 12.59 15.15
CA GLN A 6 -5.66 12.11 15.55
C GLN A 6 -4.60 13.18 15.30
N SER A 7 -3.43 12.98 15.92
CA SER A 7 -2.32 13.90 15.79
C SER A 7 -1.63 13.72 14.43
N GLY A 8 -0.70 14.63 14.13
CA GLY A 8 -0.09 14.68 12.82
C GLY A 8 0.94 13.58 12.60
N ALA A 9 1.40 13.51 11.35
CA ALA A 9 2.33 12.46 10.94
C ALA A 9 3.65 12.57 11.70
N GLU A 10 4.35 11.44 11.79
CA GLU A 10 5.58 11.34 12.56
C GLU A 10 6.64 10.60 11.74
N VAL A 11 7.89 11.03 11.88
CA VAL A 11 9.03 10.33 11.30
C VAL A 11 10.02 10.06 12.42
N LYS A 12 10.36 8.79 12.62
CA LYS A 12 11.20 8.38 13.73
C LYS A 12 12.34 7.49 13.24
N LYS A 13 13.42 7.48 13.99
CA LYS A 13 14.50 6.55 13.70
C LYS A 13 14.35 5.30 14.56
N PRO A 14 14.87 4.17 14.10
CA PRO A 14 14.74 2.93 14.88
C PRO A 14 15.27 3.07 16.30
N GLY A 15 14.57 2.45 17.24
CA GLY A 15 14.90 2.54 18.64
C GLY A 15 14.18 3.64 19.39
N ALA A 16 13.67 4.64 18.70
CA ALA A 16 12.98 5.74 19.34
C ALA A 16 11.56 5.33 19.73
N SER A 17 10.82 6.28 20.30
CA SER A 17 9.43 6.06 20.67
C SER A 17 8.54 7.08 19.97
N VAL A 18 7.28 6.72 19.78
CA VAL A 18 6.30 7.61 19.20
C VAL A 18 5.03 7.56 20.06
N LYS A 19 4.37 8.70 20.19
CA LYS A 19 3.13 8.81 20.95
C LYS A 19 2.10 9.51 20.09
N VAL A 20 0.99 8.83 19.83
CA VAL A 20 -0.08 9.34 18.98
C VAL A 20 -1.31 9.58 19.83
N SER A 21 -1.95 10.74 19.64
CA SER A 21 -3.14 11.11 20.39
C SER A 21 -4.38 10.97 19.52
N CYS A 22 -5.53 10.93 20.19
CA CYS A 22 -6.82 10.69 19.52
C CYS A 22 -7.88 11.45 20.30
N LYS A 23 -8.25 12.63 19.81
CA LYS A 23 -9.22 13.49 20.48
C LYS A 23 -10.63 13.10 20.07
N ALA A 24 -11.50 12.91 21.06
CA ALA A 24 -12.88 12.49 20.85
C ALA A 24 -13.82 13.67 21.10
N SER A 25 -14.94 13.66 20.37
CA SER A 25 -15.95 14.71 20.51
C SER A 25 -17.26 14.20 19.93
N GLY A 26 -18.35 14.82 20.36
CA GLY A 26 -19.67 14.47 19.90
C GLY A 26 -20.36 13.38 20.69
N TYR A 27 -19.71 12.81 21.70
CA TYR A 27 -20.32 11.76 22.52
C TYR A 27 -19.63 11.75 23.88
N THR A 28 -20.20 10.99 24.80
CA THR A 28 -19.65 10.85 26.15
C THR A 28 -18.44 9.93 26.06
N PHE A 29 -17.25 10.53 26.14
CA PHE A 29 -16.01 9.77 25.96
C PHE A 29 -15.88 8.64 26.97
N THR A 30 -16.29 8.89 28.21
CA THR A 30 -16.07 7.93 29.29
C THR A 30 -16.99 6.72 29.23
N ASN A 31 -18.02 6.74 28.39
CA ASN A 31 -18.93 5.61 28.27
C ASN A 31 -18.46 4.55 27.27
N TYR A 32 -17.34 4.79 26.58
CA TYR A 32 -16.85 3.88 25.56
C TYR A 32 -15.37 3.62 25.78
N GLY A 33 -14.84 2.72 24.95
CA GLY A 33 -13.41 2.48 24.87
C GLY A 33 -12.84 3.01 23.56
N ILE A 34 -11.52 2.91 23.45
CA ILE A 34 -10.80 3.33 22.26
C ILE A 34 -9.91 2.17 21.82
N SER A 35 -10.02 1.77 20.56
CA SER A 35 -9.22 0.71 19.99
C SER A 35 -8.21 1.29 19.01
N TRP A 36 -7.07 0.63 18.87
CA TRP A 36 -6.00 1.07 17.97
C TRP A 36 -5.70 -0.02 16.97
N VAL A 37 -5.65 0.36 15.68
CA VAL A 37 -5.39 -0.55 14.58
C VAL A 37 -4.40 0.13 13.64
N ARG A 38 -3.43 -0.63 13.15
CA ARG A 38 -2.42 -0.09 12.23
C ARG A 38 -2.43 -0.86 10.92
N GLN A 39 -1.86 -0.23 9.88
CA GLN A 39 -1.89 -0.78 8.53
C GLN A 39 -0.60 -0.40 7.83
N ALA A 40 0.24 -1.38 7.55
CA ALA A 40 1.48 -1.18 6.83
C ALA A 40 1.21 -0.92 5.35
N PRO A 41 2.15 -0.27 4.64
CA PRO A 41 1.91 0.04 3.23
C PRO A 41 1.61 -1.20 2.40
N GLY A 42 0.48 -1.17 1.70
CA GLY A 42 0.06 -2.29 0.88
C GLY A 42 -0.41 -3.50 1.64
N GLN A 43 -0.54 -3.41 2.96
CA GLN A 43 -0.91 -4.53 3.81
C GLN A 43 -2.32 -4.34 4.35
N GLY A 44 -2.77 -5.31 5.14
CA GLY A 44 -4.09 -5.28 5.73
C GLY A 44 -4.09 -4.61 7.10
N LEU A 45 -5.22 -4.75 7.78
CA LEU A 45 -5.37 -4.14 9.10
C LEU A 45 -4.80 -5.06 10.18
N GLU A 46 -4.31 -4.45 11.25
CA GLU A 46 -3.65 -5.19 12.32
C GLU A 46 -4.03 -4.56 13.66
N TRP A 47 -4.74 -5.32 14.49
CA TRP A 47 -5.17 -4.82 15.79
C TRP A 47 -3.98 -4.69 16.73
N MET A 48 -3.95 -3.60 17.49
CA MET A 48 -2.90 -3.34 18.47
C MET A 48 -3.38 -3.43 19.91
N GLY A 49 -4.60 -3.01 20.19
CA GLY A 49 -5.12 -3.02 21.54
C GLY A 49 -6.27 -2.06 21.70
N TRP A 50 -6.90 -2.14 22.86
CA TRP A 50 -7.94 -1.19 23.23
C TRP A 50 -7.72 -0.73 24.66
N ILE A 51 -8.34 0.40 24.99
CA ILE A 51 -8.36 0.92 26.34
C ILE A 51 -9.76 1.48 26.63
N SER A 52 -10.26 1.21 27.83
CA SER A 52 -11.53 1.77 28.27
C SER A 52 -11.29 3.15 28.88
N ALA A 53 -12.12 4.11 28.50
CA ALA A 53 -11.95 5.49 28.96
C ALA A 53 -12.37 5.66 30.42
N TYR A 54 -13.32 4.85 30.90
CA TYR A 54 -13.83 5.04 32.25
C TYR A 54 -12.89 4.45 33.29
N LYS A 55 -12.50 3.18 33.13
CA LYS A 55 -11.68 2.49 34.12
C LYS A 55 -10.20 2.41 33.74
N GLY A 56 -9.84 2.78 32.51
CA GLY A 56 -8.45 2.74 32.12
C GLY A 56 -7.88 1.36 31.89
N ASN A 57 -8.71 0.33 31.84
CA ASN A 57 -8.23 -1.02 31.58
C ASN A 57 -7.78 -1.15 30.13
N THR A 58 -6.84 -2.07 29.89
CA THR A 58 -6.24 -2.23 28.57
C THR A 58 -6.14 -3.71 28.23
N ASN A 59 -6.04 -3.98 26.92
CA ASN A 59 -5.73 -5.30 26.41
C ASN A 59 -4.93 -5.12 25.14
N TYR A 60 -3.69 -5.58 25.14
CA TYR A 60 -2.76 -5.38 24.03
C TYR A 60 -2.60 -6.66 23.23
N ALA A 61 -2.34 -6.50 21.93
CA ALA A 61 -1.95 -7.64 21.12
C ALA A 61 -0.65 -8.24 21.63
N GLN A 62 -0.57 -9.57 21.63
CA GLN A 62 0.59 -10.24 22.23
C GLN A 62 1.88 -9.87 21.54
N LYS A 63 1.84 -9.57 20.24
CA LYS A 63 3.06 -9.24 19.51
C LYS A 63 3.65 -7.90 19.94
N LEU A 64 2.87 -7.05 20.60
CA LEU A 64 3.34 -5.74 21.04
C LEU A 64 3.49 -5.63 22.56
N GLN A 65 3.25 -6.71 23.30
CA GLN A 65 3.29 -6.65 24.76
C GLN A 65 4.66 -6.19 25.25
N GLY A 66 4.65 -5.32 26.26
CA GLY A 66 5.86 -4.71 26.77
C GLY A 66 6.40 -3.59 25.92
N ARG A 67 5.82 -3.35 24.74
CA ARG A 67 6.29 -2.33 23.82
C ARG A 67 5.28 -1.21 23.57
N VAL A 68 4.01 -1.43 23.86
CA VAL A 68 2.96 -0.44 23.61
C VAL A 68 2.30 -0.09 24.93
N THR A 69 1.90 1.18 25.06
CA THR A 69 1.18 1.66 26.23
C THR A 69 0.06 2.58 25.77
N MET A 70 -1.15 2.33 26.27
CA MET A 70 -2.32 3.14 25.96
C MET A 70 -2.86 3.79 27.22
N THR A 71 -3.14 5.10 27.13
CA THR A 71 -3.64 5.86 28.25
C THR A 71 -4.77 6.76 27.75
N THR A 72 -5.56 7.28 28.70
CA THR A 72 -6.64 8.19 28.40
C THR A 72 -6.61 9.36 29.37
N ASP A 73 -6.91 10.56 28.86
CA ASP A 73 -7.14 11.74 29.69
C ASP A 73 -8.63 12.08 29.55
N THR A 74 -9.41 11.75 30.58
CA THR A 74 -10.84 12.01 30.52
C THR A 74 -11.16 13.50 30.58
N SER A 75 -10.26 14.30 31.18
CA SER A 75 -10.50 15.74 31.27
C SER A 75 -10.39 16.44 29.92
N THR A 76 -9.70 15.82 28.95
CA THR A 76 -9.62 16.36 27.60
C THR A 76 -10.24 15.44 26.56
N SER A 77 -10.84 14.32 26.98
CA SER A 77 -11.48 13.37 26.06
C SER A 77 -10.51 12.90 24.98
N THR A 78 -9.30 12.53 25.40
CA THR A 78 -8.24 12.15 24.49
C THR A 78 -7.64 10.82 24.91
N ALA A 79 -7.45 9.93 23.94
CA ALA A 79 -6.73 8.69 24.14
C ALA A 79 -5.34 8.78 23.53
N TYR A 80 -4.38 8.08 24.13
CA TYR A 80 -3.01 8.10 23.67
C TYR A 80 -2.51 6.68 23.44
N MET A 81 -1.60 6.54 22.48
CA MET A 81 -0.95 5.27 22.18
C MET A 81 0.55 5.54 22.02
N GLU A 82 1.36 4.86 22.83
CA GLU A 82 2.81 5.02 22.80
C GLU A 82 3.44 3.69 22.41
N LEU A 83 4.20 3.70 21.33
CA LEU A 83 4.92 2.53 20.85
C LEU A 83 6.42 2.80 21.02
N ARG A 84 7.10 1.94 21.77
CA ARG A 84 8.51 2.11 22.11
C ARG A 84 9.37 1.20 21.24
N SER A 85 10.69 1.39 21.36
CA SER A 85 11.69 0.59 20.66
C SER A 85 11.30 0.37 19.20
N LEU A 86 11.03 1.48 18.51
CA LEU A 86 10.50 1.42 17.15
C LEU A 86 11.49 0.73 16.20
N ARG A 87 10.94 -0.03 15.26
CA ARG A 87 11.71 -0.72 14.24
C ARG A 87 11.08 -0.42 12.89
N SER A 88 11.84 -0.68 11.82
CA SER A 88 11.42 -0.24 10.49
C SER A 88 10.08 -0.84 10.08
N ASP A 89 9.75 -2.05 10.56
CA ASP A 89 8.48 -2.66 10.20
C ASP A 89 7.31 -2.13 11.01
N ASP A 90 7.54 -1.14 11.87
CA ASP A 90 6.44 -0.41 12.50
C ASP A 90 5.93 0.73 11.62
N THR A 91 6.51 0.90 10.43
CA THR A 91 6.04 1.92 9.50
C THR A 91 4.64 1.57 9.04
N ALA A 92 3.68 2.43 9.36
CA ALA A 92 2.27 2.15 9.07
C ALA A 92 1.46 3.41 9.30
N VAL A 93 0.20 3.36 8.87
CA VAL A 93 -0.81 4.33 9.27
C VAL A 93 -1.51 3.78 10.50
N TYR A 94 -1.52 4.55 11.58
CA TYR A 94 -2.10 4.11 12.83
C TYR A 94 -3.46 4.78 13.02
N TYR A 95 -4.48 3.96 13.30
CA TYR A 95 -5.84 4.44 13.48
C TYR A 95 -6.29 4.23 14.91
N CYS A 96 -7.05 5.19 15.42
CA CYS A 96 -7.86 4.98 16.61
C CYS A 96 -9.32 4.83 16.18
N ALA A 97 -10.04 3.98 16.90
CA ALA A 97 -11.44 3.74 16.57
C ALA A 97 -12.21 3.44 17.85
N ARG A 98 -13.51 3.68 17.78
CA ARG A 98 -14.38 3.45 18.93
C ARG A 98 -15.21 2.20 18.71
N PRO A 99 -14.99 1.14 19.48
CA PRO A 99 -15.92 0.00 19.45
C PRO A 99 -17.29 0.43 19.95
N ASP A 100 -18.32 0.03 19.21
CA ASP A 100 -19.69 0.46 19.50
C ASP A 100 -20.25 -0.38 20.65
N TYR A 101 -19.75 -0.08 21.85
CA TYR A 101 -20.20 -0.78 23.05
C TYR A 101 -20.11 0.16 24.24
N GLN A 102 -21.24 0.42 24.87
CA GLN A 102 -21.28 1.21 26.10
C GLN A 102 -20.96 0.30 27.27
N VAL A 103 -19.81 0.54 27.92
CA VAL A 103 -19.36 -0.30 29.02
C VAL A 103 -20.32 -0.17 30.19
N LEU A 104 -20.87 -1.30 30.64
CA LEU A 104 -21.79 -1.34 31.77
C LEU A 104 -21.10 -1.62 33.08
N GLY A 105 -19.82 -1.99 33.06
CA GLY A 105 -19.10 -2.34 34.26
C GLY A 105 -17.95 -3.28 33.98
N TYR A 106 -18.18 -4.24 33.09
CA TYR A 106 -17.13 -5.13 32.61
C TYR A 106 -16.55 -4.54 31.32
N ASP A 107 -15.32 -4.06 31.39
CA ASP A 107 -14.72 -3.33 30.27
C ASP A 107 -14.16 -4.26 29.19
N PHE A 108 -13.83 -5.50 29.53
CA PHE A 108 -13.12 -6.37 28.61
C PHE A 108 -13.99 -6.93 27.50
N TRP A 109 -15.29 -6.64 27.51
CA TRP A 109 -16.16 -6.95 26.37
C TRP A 109 -16.08 -5.89 25.27
N ILE A 110 -15.21 -4.90 25.41
CA ILE A 110 -15.14 -3.80 24.44
C ILE A 110 -14.67 -4.31 23.09
N GLY A 111 -13.63 -5.14 23.08
CA GLY A 111 -13.06 -5.64 21.85
C GLY A 111 -13.94 -6.59 21.06
N TYR A 112 -15.12 -6.93 21.58
CA TYR A 112 -16.02 -7.87 20.92
C TYR A 112 -16.98 -7.19 19.95
N TYR A 113 -16.98 -5.86 19.87
CA TYR A 113 -17.96 -5.14 19.09
C TYR A 113 -17.29 -4.35 17.97
N GLY A 114 -18.08 -4.07 16.94
CA GLY A 114 -17.54 -3.41 15.77
C GLY A 114 -17.19 -1.96 16.03
N MET A 115 -16.12 -1.50 15.37
CA MET A 115 -15.63 -0.13 15.50
C MET A 115 -16.36 0.75 14.51
N ASP A 116 -17.31 1.55 15.01
CA ASP A 116 -18.19 2.32 14.14
C ASP A 116 -17.66 3.72 13.81
N VAL A 117 -16.77 4.27 14.63
CA VAL A 117 -16.20 5.59 14.40
C VAL A 117 -14.69 5.45 14.34
N TRP A 118 -14.07 6.04 13.33
CA TRP A 118 -12.64 5.92 13.09
C TRP A 118 -12.01 7.29 12.99
N GLY A 119 -10.77 7.40 13.48
CA GLY A 119 -9.98 8.59 13.23
C GLY A 119 -9.50 8.65 11.78
N GLN A 120 -8.83 9.75 11.45
CA GLN A 120 -8.36 9.92 10.09
C GLN A 120 -7.05 9.19 9.81
N GLY A 121 -6.38 8.68 10.85
CA GLY A 121 -5.15 7.96 10.65
C GLY A 121 -3.93 8.83 10.90
N THR A 122 -2.86 8.21 11.38
CA THR A 122 -1.59 8.88 11.60
C THR A 122 -0.49 8.08 10.94
N THR A 123 0.19 8.69 9.97
CA THR A 123 1.33 8.05 9.32
C THR A 123 2.55 8.12 10.22
N VAL A 124 3.14 6.97 10.51
CA VAL A 124 4.39 6.89 11.26
C VAL A 124 5.39 6.15 10.40
N ILE A 125 6.46 6.85 10.01
CA ILE A 125 7.52 6.28 9.19
C ILE A 125 8.74 6.09 10.08
N VAL A 126 9.21 4.85 10.16
CA VAL A 126 10.42 4.51 10.91
C VAL A 126 11.53 4.27 9.91
N SER A 127 12.57 5.10 9.98
CA SER A 127 13.69 5.01 9.06
C SER A 127 14.92 5.62 9.72
N SER A 128 16.07 4.97 9.55
CA SER A 128 17.32 5.49 10.07
C SER A 128 17.84 6.66 9.26
N ALA A 129 17.20 7.00 8.15
CA ALA A 129 17.68 8.03 7.25
C ALA A 129 17.30 9.41 7.73
N SER A 130 18.09 10.40 7.33
CA SER A 130 17.78 11.80 7.46
C SER A 130 17.50 12.38 6.07
N THR A 131 17.26 13.68 6.01
CA THR A 131 16.95 14.33 4.74
C THR A 131 18.07 14.09 3.73
N LYS A 132 17.69 13.58 2.56
CA LYS A 132 18.65 13.20 1.53
C LYS A 132 18.07 13.46 0.16
N GLY A 133 18.80 14.18 -0.67
CA GLY A 133 18.38 14.45 -2.03
C GLY A 133 18.47 13.23 -2.91
N PRO A 134 17.71 13.20 -4.00
CA PRO A 134 17.71 12.03 -4.87
C PRO A 134 18.83 12.06 -5.90
N SER A 135 19.21 10.86 -6.33
CA SER A 135 20.06 10.68 -7.50
C SER A 135 19.17 10.34 -8.68
N VAL A 136 19.35 11.05 -9.80
CA VAL A 136 18.52 10.88 -10.98
C VAL A 136 19.36 10.22 -12.07
N PHE A 137 18.87 9.09 -12.58
CA PHE A 137 19.53 8.37 -13.65
C PHE A 137 18.60 8.19 -14.83
N PRO A 138 19.12 8.19 -16.06
CA PRO A 138 18.25 8.07 -17.23
C PRO A 138 17.81 6.63 -17.48
N LEU A 139 16.61 6.50 -18.04
CA LEU A 139 16.07 5.24 -18.53
C LEU A 139 15.94 5.40 -20.04
N ALA A 140 17.03 5.09 -20.75
CA ALA A 140 17.11 5.47 -22.15
C ALA A 140 16.69 4.33 -23.06
N PRO A 141 16.04 4.66 -24.18
CA PRO A 141 15.69 3.62 -25.16
C PRO A 141 16.86 3.29 -26.07
N SER A 142 16.84 2.08 -26.60
CA SER A 142 17.84 1.61 -27.54
C SER A 142 17.16 1.21 -28.85
N SER A 143 17.99 0.89 -29.85
CA SER A 143 17.46 0.44 -31.13
C SER A 143 16.75 -0.90 -31.04
N LYS A 144 17.05 -1.70 -30.02
CA LYS A 144 16.43 -2.99 -29.85
C LYS A 144 15.12 -2.91 -29.07
N SER A 145 15.07 -2.07 -28.03
CA SER A 145 13.85 -1.88 -27.27
C SER A 145 12.83 -1.00 -27.99
N THR A 146 13.18 -0.48 -29.17
CA THR A 146 12.32 0.41 -29.94
C THR A 146 12.05 -0.26 -31.28
N SER A 147 10.97 -1.05 -31.34
CA SER A 147 10.61 -1.73 -32.57
C SER A 147 9.69 -0.89 -33.45
N GLY A 148 8.78 -0.12 -32.84
CA GLY A 148 7.81 0.63 -33.62
C GLY A 148 7.91 2.13 -33.47
N GLY A 149 6.84 2.82 -33.85
CA GLY A 149 6.82 4.28 -33.84
C GLY A 149 6.75 4.93 -32.48
N THR A 150 6.69 4.15 -31.40
CA THR A 150 6.64 4.69 -30.05
C THR A 150 7.76 4.08 -29.23
N ALA A 151 8.53 4.94 -28.56
CA ALA A 151 9.63 4.52 -27.69
C ALA A 151 9.37 4.99 -26.27
N ALA A 152 9.91 4.25 -25.31
CA ALA A 152 9.75 4.56 -23.90
C ALA A 152 11.07 5.08 -23.33
N LEU A 153 11.00 6.25 -22.70
CA LEU A 153 12.14 6.84 -22.01
C LEU A 153 11.65 7.48 -20.72
N GLY A 154 12.51 7.44 -19.70
CA GLY A 154 12.15 8.02 -18.43
C GLY A 154 13.38 8.29 -17.58
N CYS A 155 13.13 8.63 -16.31
CA CYS A 155 14.18 8.91 -15.35
CA CYS A 155 14.20 8.87 -15.37
C CYS A 155 13.92 8.13 -14.07
N LEU A 156 14.99 7.62 -13.46
CA LEU A 156 14.93 6.91 -12.20
C LEU A 156 15.33 7.86 -11.08
N VAL A 157 14.43 8.10 -10.14
CA VAL A 157 14.66 8.99 -9.01
C VAL A 157 14.98 8.11 -7.80
N LYS A 158 16.25 8.08 -7.41
CA LYS A 158 16.79 7.03 -6.56
C LYS A 158 17.18 7.56 -5.20
N ASP A 159 16.74 6.86 -4.15
CA ASP A 159 17.28 6.97 -2.80
C ASP A 159 17.20 8.41 -2.27
N TYR A 160 15.96 8.85 -2.03
CA TYR A 160 15.71 10.13 -1.41
C TYR A 160 14.85 9.96 -0.16
N PHE A 161 14.85 10.99 0.68
CA PHE A 161 14.11 10.98 1.94
C PHE A 161 13.97 12.41 2.44
N PRO A 162 12.77 12.83 2.86
CA PRO A 162 11.54 12.05 2.80
C PRO A 162 10.73 12.37 1.55
N GLU A 163 9.45 11.98 1.55
CA GLU A 163 8.53 12.42 0.52
C GLU A 163 8.22 13.91 0.72
N PRO A 164 7.77 14.61 -0.33
CA PRO A 164 7.48 14.14 -1.69
C PRO A 164 8.53 14.52 -2.74
N VAL A 165 8.39 13.95 -3.92
CA VAL A 165 9.14 14.34 -5.11
C VAL A 165 8.16 14.57 -6.25
N THR A 166 8.33 15.69 -6.94
CA THR A 166 7.53 16.00 -8.12
C THR A 166 8.39 15.87 -9.37
N VAL A 167 7.82 15.29 -10.41
CA VAL A 167 8.50 15.10 -11.69
C VAL A 167 7.64 15.69 -12.80
N SER A 168 8.23 16.55 -13.61
CA SER A 168 7.62 17.02 -14.85
C SER A 168 8.59 16.77 -15.99
N TRP A 169 8.11 16.95 -17.22
CA TRP A 169 8.92 16.75 -18.41
C TRP A 169 8.90 18.02 -19.24
N ASN A 170 10.09 18.51 -19.60
CA ASN A 170 10.25 19.74 -20.38
C ASN A 170 9.50 20.90 -19.74
N SER A 171 9.55 20.96 -18.42
CA SER A 171 8.92 22.04 -17.63
C SER A 171 7.43 22.14 -17.91
N GLY A 172 6.78 21.00 -18.13
CA GLY A 172 5.35 20.96 -18.36
C GLY A 172 4.92 21.04 -19.82
N ALA A 173 5.87 21.18 -20.74
CA ALA A 173 5.54 21.21 -22.17
C ALA A 173 5.23 19.82 -22.72
N LEU A 174 5.37 18.77 -21.91
CA LEU A 174 5.13 17.40 -22.35
C LEU A 174 4.38 16.67 -21.25
N THR A 175 3.11 16.35 -21.50
CA THR A 175 2.29 15.67 -20.51
C THR A 175 1.66 14.41 -21.10
N SER A 176 1.47 14.39 -22.41
CA SER A 176 0.85 13.23 -23.06
C SER A 176 1.82 12.05 -23.04
N GLY A 177 1.31 10.89 -22.63
CA GLY A 177 2.13 9.69 -22.53
C GLY A 177 3.00 9.63 -21.30
N VAL A 178 2.93 10.61 -20.41
CA VAL A 178 3.75 10.66 -19.21
C VAL A 178 3.03 9.92 -18.09
N HIS A 179 3.75 9.06 -17.38
CA HIS A 179 3.26 8.47 -16.14
C HIS A 179 4.37 8.46 -15.11
N THR A 180 4.11 9.07 -13.95
CA THR A 180 4.99 9.03 -12.81
C THR A 180 4.45 8.01 -11.80
N PHE A 181 5.28 7.05 -11.43
CA PHE A 181 4.86 5.97 -10.55
C PHE A 181 4.93 6.39 -9.09
N PRO A 182 4.15 5.74 -8.23
CA PRO A 182 4.27 6.01 -6.79
C PRO A 182 5.64 5.59 -6.27
N ALA A 183 6.09 6.30 -5.24
CA ALA A 183 7.36 5.96 -4.62
C ALA A 183 7.24 4.68 -3.80
N VAL A 184 8.35 3.95 -3.70
CA VAL A 184 8.43 2.75 -2.89
C VAL A 184 9.43 2.99 -1.77
N LEU A 185 9.04 2.64 -0.54
CA LEU A 185 9.94 2.74 0.60
C LEU A 185 10.77 1.46 0.67
N GLN A 186 12.08 1.61 0.59
CA GLN A 186 12.99 0.47 0.48
C GLN A 186 13.47 0.02 1.86
N SER A 187 14.05 -1.18 1.90
CA SER A 187 14.59 -1.72 3.15
C SER A 187 15.69 -0.83 3.73
N SER A 188 16.29 0.04 2.93
CA SER A 188 17.27 1.00 3.42
C SER A 188 16.63 2.18 4.14
N GLY A 189 15.31 2.31 4.09
CA GLY A 189 14.66 3.48 4.64
C GLY A 189 14.65 4.67 3.71
N LEU A 190 14.87 4.46 2.43
CA LEU A 190 14.89 5.53 1.44
C LEU A 190 13.84 5.24 0.36
N TYR A 191 13.36 6.31 -0.27
CA TYR A 191 12.37 6.21 -1.32
C TYR A 191 13.03 6.20 -2.69
N SER A 192 12.34 5.59 -3.65
CA SER A 192 12.71 5.66 -5.06
C SER A 192 11.45 5.63 -5.90
N LEU A 193 11.47 6.36 -7.01
CA LEU A 193 10.35 6.34 -7.95
C LEU A 193 10.89 6.47 -9.37
N SER A 194 10.00 6.26 -10.33
CA SER A 194 10.33 6.40 -11.74
C SER A 194 9.21 7.17 -12.43
N SER A 195 9.56 7.77 -13.57
CA SER A 195 8.61 8.49 -14.41
C SER A 195 9.02 8.26 -15.85
N VAL A 196 8.07 7.93 -16.71
CA VAL A 196 8.37 7.59 -18.10
C VAL A 196 7.46 8.34 -19.06
N VAL A 197 7.92 8.46 -20.29
CA VAL A 197 7.17 9.03 -21.40
C VAL A 197 7.17 8.02 -22.53
N THR A 198 6.02 7.84 -23.17
CA THR A 198 5.93 7.14 -24.43
C THR A 198 5.88 8.17 -25.55
N VAL A 199 6.82 8.06 -26.50
CA VAL A 199 7.13 9.18 -27.38
C VAL A 199 7.28 8.69 -28.81
N PRO A 200 6.94 9.55 -29.78
CA PRO A 200 7.08 9.15 -31.19
C PRO A 200 8.55 8.98 -31.58
N SER A 201 8.80 7.94 -32.38
CA SER A 201 10.17 7.59 -32.74
C SER A 201 10.83 8.67 -33.60
N SER A 202 10.04 9.37 -34.42
CA SER A 202 10.62 10.32 -35.37
C SER A 202 11.27 11.50 -34.66
N SER A 203 10.81 11.84 -33.47
CA SER A 203 11.30 13.01 -32.75
C SER A 203 12.55 12.71 -31.92
N LEU A 204 13.02 11.46 -31.90
CA LEU A 204 14.06 11.07 -30.95
C LEU A 204 15.37 11.80 -31.23
N GLY A 205 15.72 11.98 -32.50
CA GLY A 205 17.00 12.58 -32.84
C GLY A 205 17.06 14.09 -32.76
N THR A 206 15.92 14.77 -32.70
CA THR A 206 15.90 16.22 -32.75
C THR A 206 15.09 16.87 -31.65
N GLN A 207 14.26 16.13 -30.92
CA GLN A 207 13.45 16.70 -29.84
C GLN A 207 14.03 16.30 -28.50
N THR A 208 14.27 17.29 -27.66
CA THR A 208 14.89 17.06 -26.36
C THR A 208 13.85 16.66 -25.32
N TYR A 209 14.19 15.68 -24.49
CA TYR A 209 13.33 15.22 -23.41
C TYR A 209 14.08 15.32 -22.10
N ILE A 210 13.51 16.07 -21.14
CA ILE A 210 14.19 16.44 -19.91
C ILE A 210 13.27 16.15 -18.73
N CYS A 211 13.73 15.34 -17.79
CA CYS A 211 12.97 15.12 -16.57
CA CYS A 211 13.02 15.07 -16.54
C CYS A 211 13.31 16.18 -15.54
N ASN A 212 12.28 16.80 -14.98
CA ASN A 212 12.44 17.86 -14.00
C ASN A 212 12.03 17.29 -12.64
N VAL A 213 13.02 17.04 -11.79
CA VAL A 213 12.80 16.41 -10.49
C VAL A 213 13.00 17.47 -9.41
N ASN A 214 11.95 17.73 -8.63
CA ASN A 214 12.00 18.69 -7.54
C ASN A 214 11.79 17.95 -6.22
N HIS A 215 12.73 18.11 -5.30
CA HIS A 215 12.64 17.52 -3.96
C HIS A 215 12.80 18.67 -2.96
N LYS A 216 11.69 19.32 -2.63
CA LYS A 216 11.72 20.43 -1.69
C LYS A 216 12.32 20.09 -0.32
N PRO A 217 12.05 18.92 0.29
CA PRO A 217 12.64 18.64 1.60
C PRO A 217 14.15 18.78 1.67
N SER A 218 14.87 18.55 0.57
CA SER A 218 16.32 18.70 0.54
C SER A 218 16.77 19.91 -0.27
N ASN A 219 15.84 20.78 -0.67
CA ASN A 219 16.15 21.98 -1.44
C ASN A 219 16.91 21.63 -2.72
N THR A 220 16.41 20.63 -3.44
CA THR A 220 17.10 20.08 -4.60
C THR A 220 16.17 20.04 -5.81
N LYS A 221 16.66 20.53 -6.93
CA LYS A 221 15.99 20.39 -8.22
C LYS A 221 17.01 19.90 -9.23
N VAL A 222 16.65 18.87 -9.99
CA VAL A 222 17.55 18.23 -10.94
C VAL A 222 16.86 18.15 -12.29
N ASP A 223 17.54 18.62 -13.33
CA ASP A 223 17.07 18.49 -14.71
C ASP A 223 18.00 17.52 -15.44
N LYS A 224 17.44 16.45 -15.99
CA LYS A 224 18.22 15.40 -16.63
C LYS A 224 17.67 15.19 -18.04
N LYS A 225 18.47 15.53 -19.05
CA LYS A 225 18.11 15.29 -20.44
C LYS A 225 18.36 13.83 -20.77
N VAL A 226 17.31 13.11 -21.16
CA VAL A 226 17.39 11.69 -21.47
C VAL A 226 17.56 11.55 -22.97
N GLU A 227 18.72 11.04 -23.38
CA GLU A 227 18.99 10.79 -24.79
C GLU A 227 19.04 9.29 -25.06
N PRO A 228 18.74 8.86 -26.29
CA PRO A 228 18.77 7.43 -26.59
C PRO A 228 20.16 6.84 -26.40
N LYS A 229 20.21 5.53 -26.15
CA LYS A 229 21.49 4.85 -26.01
C LYS A 229 22.15 4.70 -27.37
N SER A 230 23.48 4.52 -27.34
CA SER A 230 24.24 4.37 -28.56
C SER A 230 24.07 3.00 -29.21
N CYS A 231 23.38 2.08 -28.54
CA CYS A 231 23.25 0.72 -29.06
C CYS A 231 21.83 0.42 -29.54
N SER B 2 -2.52 -12.87 8.38
CA SER B 2 -3.82 -12.69 9.02
C SER B 2 -4.39 -14.02 9.49
N VAL B 3 -5.21 -13.97 10.53
CA VAL B 3 -5.76 -15.19 11.10
C VAL B 3 -6.97 -15.68 10.32
N LEU B 4 -7.77 -14.77 9.78
CA LEU B 4 -8.93 -15.11 8.98
C LEU B 4 -8.56 -15.03 7.50
N THR B 5 -9.18 -15.90 6.69
CA THR B 5 -8.85 -16.05 5.29
C THR B 5 -9.94 -15.46 4.42
N GLN B 6 -9.58 -14.51 3.57
CA GLN B 6 -10.44 -13.91 2.57
C GLN B 6 -9.87 -14.15 1.18
N PRO B 7 -10.69 -14.14 0.14
CA PRO B 7 -10.16 -14.16 -1.22
C PRO B 7 -9.33 -12.92 -1.48
N PRO B 8 -8.19 -13.05 -2.18
CA PRO B 8 -7.39 -11.86 -2.47
C PRO B 8 -8.15 -10.81 -3.27
N SER B 9 -9.03 -11.22 -4.17
CA SER B 9 -9.76 -10.29 -5.00
C SER B 9 -11.04 -10.95 -5.50
N VAL B 10 -12.09 -10.12 -5.64
CA VAL B 10 -13.32 -10.51 -6.30
C VAL B 10 -13.69 -9.39 -7.28
N SER B 11 -14.49 -9.75 -8.28
CA SER B 11 -14.84 -8.79 -9.31
C SER B 11 -16.26 -9.06 -9.81
N GLY B 12 -16.83 -8.04 -10.43
CA GLY B 12 -18.18 -8.13 -10.97
C GLY B 12 -18.54 -6.88 -11.75
N ALA B 13 -19.45 -7.06 -12.71
CA ALA B 13 -19.95 -5.94 -13.49
C ALA B 13 -20.99 -5.16 -12.69
N PRO B 14 -21.18 -3.88 -13.00
CA PRO B 14 -22.19 -3.09 -12.27
C PRO B 14 -23.57 -3.72 -12.36
N GLY B 15 -24.31 -3.63 -11.25
CA GLY B 15 -25.62 -4.24 -11.15
C GLY B 15 -25.62 -5.68 -10.70
N GLN B 16 -24.48 -6.37 -10.77
CA GLN B 16 -24.40 -7.75 -10.37
C GLN B 16 -24.26 -7.87 -8.85
N ARG B 17 -24.31 -9.10 -8.37
CA ARG B 17 -24.18 -9.42 -6.96
C ARG B 17 -22.91 -10.24 -6.74
N VAL B 18 -22.08 -9.80 -5.79
CA VAL B 18 -20.86 -10.49 -5.45
C VAL B 18 -20.87 -10.82 -3.96
N THR B 19 -20.07 -11.82 -3.59
CA THR B 19 -19.93 -12.23 -2.20
C THR B 19 -18.45 -12.36 -1.85
N ILE B 20 -18.11 -11.98 -0.63
CA ILE B 20 -16.75 -12.07 -0.11
C ILE B 20 -16.77 -12.98 1.11
N SER B 21 -16.10 -14.12 1.00
CA SER B 21 -16.10 -15.11 2.08
C SER B 21 -14.99 -14.83 3.08
N CYS B 22 -15.12 -15.41 4.27
CA CYS B 22 -14.20 -15.19 5.37
C CYS B 22 -14.22 -16.43 6.26
N THR B 23 -13.18 -17.25 6.19
CA THR B 23 -13.10 -18.48 6.96
C THR B 23 -12.06 -18.34 8.06
N GLY B 24 -12.29 -19.07 9.16
CA GLY B 24 -11.40 -19.00 10.31
C GLY B 24 -11.00 -20.35 10.86
N SER B 25 -11.17 -20.55 12.16
CA SER B 25 -10.80 -21.80 12.80
C SER B 25 -11.66 -22.00 14.04
N SER B 26 -11.34 -23.05 14.80
CA SER B 26 -12.13 -23.41 15.97
C SER B 26 -12.04 -22.37 17.08
N SER B 27 -11.04 -21.48 17.02
CA SER B 27 -10.80 -20.51 18.08
C SER B 27 -11.40 -19.13 17.79
N ASN B 28 -11.91 -18.90 16.59
CA ASN B 28 -12.54 -17.61 16.29
C ASN B 28 -13.97 -17.80 15.78
N ILE B 29 -14.15 -17.82 14.46
CA ILE B 29 -15.49 -17.98 13.89
C ILE B 29 -16.08 -19.31 14.29
N GLY B 30 -15.25 -20.36 14.31
CA GLY B 30 -15.71 -21.67 14.75
C GLY B 30 -16.10 -21.73 16.22
N ALA B 31 -15.66 -20.76 17.01
CA ALA B 31 -16.04 -20.68 18.42
C ALA B 31 -17.34 -19.93 18.64
N GLY B 32 -17.99 -19.47 17.58
CA GLY B 32 -19.24 -18.74 17.69
C GLY B 32 -19.12 -17.25 17.85
N TYR B 33 -17.94 -16.69 17.59
CA TYR B 33 -17.73 -15.26 17.76
C TYR B 33 -18.35 -14.48 16.60
N ASP B 34 -18.82 -13.27 16.91
CA ASP B 34 -19.40 -12.41 15.88
C ASP B 34 -18.34 -12.01 14.86
N VAL B 35 -18.81 -11.71 13.64
CA VAL B 35 -17.95 -11.23 12.56
C VAL B 35 -18.46 -9.86 12.12
N HIS B 36 -17.55 -8.91 12.01
CA HIS B 36 -17.85 -7.59 11.49
C HIS B 36 -17.13 -7.37 10.16
N TRP B 37 -17.69 -6.49 9.34
CA TRP B 37 -17.14 -6.21 8.03
C TRP B 37 -16.83 -4.72 7.92
N TYR B 38 -15.70 -4.40 7.29
CA TYR B 38 -15.28 -3.03 7.08
C TYR B 38 -14.96 -2.80 5.61
N GLN B 39 -15.25 -1.59 5.15
CA GLN B 39 -14.91 -1.13 3.81
C GLN B 39 -13.85 -0.05 3.91
N GLN B 40 -12.82 -0.13 3.07
CA GLN B 40 -11.76 0.87 3.05
C GLN B 40 -11.55 1.33 1.61
N LEU B 41 -11.97 2.56 1.33
CA LEU B 41 -11.63 3.18 0.06
C LEU B 41 -10.12 3.47 0.04
N PRO B 42 -9.52 3.53 -1.15
CA PRO B 42 -8.08 3.81 -1.23
C PRO B 42 -7.72 5.15 -0.60
N GLY B 43 -6.83 5.10 0.40
CA GLY B 43 -6.33 6.28 1.05
C GLY B 43 -7.14 6.78 2.23
N THR B 44 -8.23 6.10 2.59
CA THR B 44 -9.10 6.56 3.66
C THR B 44 -9.13 5.54 4.80
N ALA B 45 -9.72 5.96 5.92
CA ALA B 45 -9.89 5.07 7.04
C ALA B 45 -11.00 4.07 6.75
N PRO B 46 -10.98 2.89 7.40
CA PRO B 46 -12.05 1.92 7.19
C PRO B 46 -13.40 2.45 7.68
N LYS B 47 -14.45 1.83 7.17
CA LYS B 47 -15.82 2.15 7.54
C LYS B 47 -16.57 0.88 7.87
N LEU B 48 -17.24 0.86 9.02
CA LEU B 48 -18.01 -0.30 9.44
C LEU B 48 -19.19 -0.50 8.49
N LEU B 49 -19.27 -1.69 7.88
CA LEU B 49 -20.36 -2.06 6.98
C LEU B 49 -21.37 -2.99 7.65
N ILE B 50 -20.89 -4.04 8.30
CA ILE B 50 -21.74 -5.02 8.96
C ILE B 50 -21.17 -5.29 10.34
N TYR B 51 -22.04 -5.31 11.35
CA TYR B 51 -21.65 -5.68 12.71
C TYR B 51 -22.58 -6.76 13.21
N GLY B 52 -22.04 -7.61 14.10
CA GLY B 52 -22.81 -8.72 14.64
C GLY B 52 -23.33 -9.64 13.55
N ASN B 53 -22.44 -10.01 12.62
CA ASN B 53 -22.71 -10.97 11.54
C ASN B 53 -23.65 -10.40 10.47
N THR B 54 -24.77 -9.81 10.87
CA THR B 54 -25.83 -9.49 9.92
C THR B 54 -26.36 -8.06 9.98
N ASN B 55 -26.02 -7.28 11.00
CA ASN B 55 -26.66 -5.99 11.21
C ASN B 55 -25.97 -4.89 10.41
N ARG B 56 -26.80 -3.99 9.84
CA ARG B 56 -26.31 -2.82 9.12
C ARG B 56 -26.41 -1.58 10.01
N PRO B 57 -25.32 -0.84 10.19
CA PRO B 57 -25.43 0.44 10.90
C PRO B 57 -26.28 1.43 10.13
N SER B 58 -26.90 2.34 10.86
CA SER B 58 -27.68 3.40 10.22
C SER B 58 -26.79 4.23 9.31
N GLY B 59 -27.25 4.41 8.07
CA GLY B 59 -26.50 5.12 7.06
C GLY B 59 -25.87 4.25 6.01
N VAL B 60 -25.61 2.98 6.33
CA VAL B 60 -25.01 2.05 5.37
C VAL B 60 -26.07 1.59 4.38
N PRO B 61 -25.82 1.66 3.07
CA PRO B 61 -26.85 1.28 2.11
C PRO B 61 -27.28 -0.18 2.27
N ASP B 62 -28.57 -0.42 2.02
CA ASP B 62 -29.14 -1.76 2.13
C ASP B 62 -28.60 -2.73 1.09
N ARG B 63 -27.76 -2.27 0.17
CA ARG B 63 -27.13 -3.19 -0.78
C ARG B 63 -26.18 -4.15 -0.10
N PHE B 64 -25.69 -3.82 1.10
CA PHE B 64 -24.77 -4.66 1.82
C PHE B 64 -25.52 -5.54 2.81
N SER B 65 -25.08 -6.79 2.93
CA SER B 65 -25.69 -7.74 3.84
C SER B 65 -24.65 -8.78 4.23
N GLY B 66 -24.87 -9.40 5.39
CA GLY B 66 -23.93 -10.37 5.91
C GLY B 66 -24.62 -11.61 6.43
N SER B 67 -23.86 -12.70 6.45
CA SER B 67 -24.33 -13.96 7.01
C SER B 67 -23.15 -14.70 7.59
N LYS B 68 -23.44 -15.66 8.47
CA LYS B 68 -22.39 -16.42 9.12
C LYS B 68 -22.87 -17.85 9.35
N SER B 69 -21.98 -18.81 9.11
CA SER B 69 -22.23 -20.22 9.38
C SER B 69 -21.37 -20.65 10.57
N GLY B 70 -21.19 -21.97 10.72
CA GLY B 70 -20.33 -22.47 11.78
C GLY B 70 -18.86 -22.32 11.51
N THR B 71 -18.47 -22.13 10.25
CA THR B 71 -17.07 -22.07 9.86
C THR B 71 -16.67 -20.79 9.15
N SER B 72 -17.59 -20.10 8.48
CA SER B 72 -17.24 -18.96 7.65
C SER B 72 -18.28 -17.86 7.79
N ALA B 73 -17.93 -16.68 7.28
CA ALA B 73 -18.84 -15.55 7.18
C ALA B 73 -18.77 -15.01 5.76
N SER B 74 -19.82 -14.31 5.35
CA SER B 74 -19.91 -13.82 3.98
C SER B 74 -20.52 -12.42 3.96
N LEU B 75 -19.89 -11.53 3.21
CA LEU B 75 -20.44 -10.22 2.89
C LEU B 75 -20.99 -10.26 1.47
N ALA B 76 -22.27 -9.90 1.32
CA ALA B 76 -22.94 -9.89 0.04
C ALA B 76 -23.19 -8.46 -0.40
N ILE B 77 -22.85 -8.14 -1.64
CA ILE B 77 -23.06 -6.82 -2.21
C ILE B 77 -23.95 -6.99 -3.43
N THR B 78 -25.21 -6.59 -3.30
CA THR B 78 -26.16 -6.66 -4.40
C THR B 78 -26.20 -5.34 -5.15
N GLY B 79 -26.43 -5.42 -6.45
CA GLY B 79 -26.47 -4.24 -7.31
C GLY B 79 -25.19 -3.43 -7.23
N LEU B 80 -24.12 -3.93 -7.86
CA LEU B 80 -22.82 -3.30 -7.75
C LEU B 80 -22.83 -1.90 -8.34
N GLN B 81 -22.34 -0.94 -7.57
CA GLN B 81 -22.09 0.42 -8.02
C GLN B 81 -20.58 0.62 -8.16
N ALA B 82 -20.21 1.67 -8.92
CA ALA B 82 -18.79 1.98 -9.07
C ALA B 82 -18.17 2.40 -7.74
N GLU B 83 -18.94 3.04 -6.87
CA GLU B 83 -18.42 3.51 -5.59
C GLU B 83 -18.05 2.35 -4.67
N ASP B 84 -18.51 1.13 -4.97
CA ASP B 84 -18.22 -0.02 -4.13
C ASP B 84 -16.82 -0.58 -4.35
N GLU B 85 -16.10 -0.12 -5.36
CA GLU B 85 -14.73 -0.58 -5.59
C GLU B 85 -13.85 -0.13 -4.43
N ALA B 86 -13.46 -1.08 -3.58
CA ALA B 86 -12.66 -0.80 -2.39
C ALA B 86 -12.10 -2.12 -1.89
N ASP B 87 -11.37 -2.05 -0.78
CA ASP B 87 -10.91 -3.22 -0.06
C ASP B 87 -11.87 -3.51 1.09
N TYR B 88 -12.13 -4.79 1.34
CA TYR B 88 -13.09 -5.21 2.34
C TYR B 88 -12.43 -6.16 3.32
N TYR B 89 -12.63 -5.92 4.61
CA TYR B 89 -12.02 -6.70 5.68
C TYR B 89 -13.11 -7.28 6.57
N CYS B 90 -12.99 -8.58 6.85
CA CYS B 90 -13.76 -9.18 7.93
C CYS B 90 -12.94 -9.11 9.22
N GLN B 91 -13.66 -9.02 10.34
CA GLN B 91 -13.02 -8.92 11.64
C GLN B 91 -13.78 -9.77 12.64
N SER B 92 -13.05 -10.50 13.47
CA SER B 92 -13.64 -11.35 14.49
C SER B 92 -12.73 -11.34 15.72
N TYR B 93 -13.02 -12.22 16.67
CA TYR B 93 -12.29 -12.35 17.90
C TYR B 93 -11.71 -13.75 18.00
N ASP B 94 -10.56 -13.87 18.65
CA ASP B 94 -9.86 -15.15 18.77
C ASP B 94 -9.52 -15.40 20.23
N SER B 95 -9.87 -16.59 20.72
CA SER B 95 -9.58 -16.98 22.09
C SER B 95 -8.39 -17.93 22.11
N SER B 96 -7.31 -17.51 22.76
CA SER B 96 -6.09 -18.30 22.83
C SER B 96 -5.56 -18.24 24.26
N LEU B 97 -4.36 -18.78 24.46
CA LEU B 97 -3.73 -18.83 25.77
C LEU B 97 -2.73 -17.68 25.94
N SER B 100 -6.65 -14.16 23.04
CA SER B 100 -7.73 -13.26 23.44
C SER B 100 -7.58 -11.92 22.73
N GLU B 101 -7.64 -11.93 21.41
CA GLU B 101 -7.33 -10.75 20.62
C GLU B 101 -8.31 -10.59 19.47
N VAL B 102 -8.35 -9.37 18.93
CA VAL B 102 -9.10 -9.07 17.72
C VAL B 102 -8.27 -9.50 16.52
N VAL B 103 -8.92 -10.13 15.54
CA VAL B 103 -8.25 -10.63 14.35
C VAL B 103 -8.98 -10.14 13.11
N PHE B 104 -8.22 -9.88 12.06
CA PHE B 104 -8.74 -9.45 10.77
C PHE B 104 -8.44 -10.49 9.70
N GLY B 105 -9.18 -10.41 8.60
CA GLY B 105 -8.81 -11.11 7.39
C GLY B 105 -7.79 -10.32 6.59
N GLY B 106 -7.19 -11.01 5.61
CA GLY B 106 -6.17 -10.38 4.80
C GLY B 106 -6.67 -9.27 3.90
N GLY B 107 -7.99 -9.14 3.75
CA GLY B 107 -8.54 -8.10 2.89
C GLY B 107 -8.85 -8.61 1.50
N THR B 108 -9.93 -8.10 0.90
CA THR B 108 -10.34 -8.49 -0.44
C THR B 108 -10.52 -7.23 -1.28
N LYS B 109 -9.83 -7.17 -2.41
CA LYS B 109 -9.96 -6.05 -3.34
C LYS B 109 -11.10 -6.34 -4.29
N LEU B 110 -12.16 -5.55 -4.19
CA LEU B 110 -13.31 -5.69 -5.08
C LEU B 110 -13.15 -4.77 -6.28
N THR B 111 -13.21 -5.35 -7.48
CA THR B 111 -13.15 -4.59 -8.72
C THR B 111 -14.53 -4.58 -9.36
N VAL B 112 -15.04 -3.40 -9.62
CA VAL B 112 -16.27 -3.24 -10.41
C VAL B 112 -15.83 -3.05 -11.85
N LEU B 113 -16.03 -4.08 -12.68
CA LEU B 113 -15.47 -4.11 -14.02
C LEU B 113 -16.14 -3.05 -14.90
N GLY B 114 -15.37 -2.05 -15.30
CA GLY B 114 -15.82 -1.05 -16.26
C GLY B 114 -15.20 -1.15 -17.63
N GLN B 115 -14.44 -2.21 -17.90
CA GLN B 115 -13.77 -2.40 -19.18
C GLN B 115 -13.26 -3.84 -19.22
N PRO B 116 -12.98 -4.37 -20.42
CA PRO B 116 -12.48 -5.74 -20.50
C PRO B 116 -11.09 -5.89 -19.86
N LYS B 117 -10.73 -7.15 -19.61
CA LYS B 117 -9.42 -7.45 -19.05
C LYS B 117 -8.33 -7.00 -20.01
N ALA B 118 -7.22 -6.54 -19.44
CA ALA B 118 -6.09 -6.06 -20.22
C ALA B 118 -4.81 -6.61 -19.64
N ALA B 119 -4.01 -7.28 -20.46
CA ALA B 119 -2.72 -7.78 -20.03
C ALA B 119 -1.72 -6.62 -19.93
N PRO B 120 -0.77 -6.69 -19.01
CA PRO B 120 0.14 -5.57 -18.80
C PRO B 120 1.18 -5.47 -19.89
N SER B 121 1.54 -4.22 -20.24
CA SER B 121 2.72 -3.96 -21.04
C SER B 121 3.93 -3.84 -20.12
N VAL B 122 5.03 -4.48 -20.50
CA VAL B 122 6.19 -4.62 -19.62
C VAL B 122 7.42 -4.11 -20.35
N THR B 123 8.09 -3.11 -19.76
CA THR B 123 9.35 -2.58 -20.27
C THR B 123 10.40 -2.73 -19.19
N LEU B 124 11.45 -3.50 -19.47
CA LEU B 124 12.53 -3.74 -18.52
C LEU B 124 13.75 -2.92 -18.93
N PHE B 125 14.28 -2.14 -17.98
CA PHE B 125 15.44 -1.31 -18.22
C PHE B 125 16.66 -1.91 -17.53
N PRO B 126 17.76 -2.11 -18.25
CA PRO B 126 19.02 -2.47 -17.59
C PRO B 126 19.56 -1.27 -16.82
N PRO B 127 20.57 -1.48 -15.96
CA PRO B 127 21.15 -0.32 -15.27
C PRO B 127 21.79 0.63 -16.24
N SER B 128 21.57 1.93 -16.02
CA SER B 128 22.21 2.94 -16.84
C SER B 128 23.72 2.93 -16.62
N SER B 129 24.46 3.38 -17.63
CA SER B 129 25.90 3.50 -17.48
C SER B 129 26.26 4.47 -16.36
N GLU B 130 25.46 5.53 -16.20
CA GLU B 130 25.73 6.53 -15.18
C GLU B 130 25.60 5.94 -13.78
N GLU B 131 24.60 5.06 -13.58
CA GLU B 131 24.43 4.45 -12.26
C GLU B 131 25.57 3.49 -11.95
N LEU B 132 26.05 2.75 -12.95
CA LEU B 132 27.16 1.82 -12.72
C LEU B 132 28.41 2.56 -12.27
N GLN B 133 28.61 3.78 -12.77
CA GLN B 133 29.73 4.59 -12.31
C GLN B 133 29.62 4.95 -10.84
N ALA B 134 28.41 4.96 -10.28
CA ALA B 134 28.19 5.20 -8.86
C ALA B 134 28.25 3.91 -8.04
N ASN B 135 28.82 2.85 -8.61
CA ASN B 135 28.93 1.54 -7.95
C ASN B 135 27.56 1.02 -7.51
N LYS B 136 26.51 1.35 -8.26
CA LYS B 136 25.18 0.85 -8.02
C LYS B 136 24.62 0.29 -9.32
N ALA B 137 23.59 -0.53 -9.20
CA ALA B 137 22.95 -1.13 -10.37
C ALA B 137 21.50 -1.44 -10.02
N THR B 138 20.57 -0.85 -10.76
CA THR B 138 19.14 -1.04 -10.52
C THR B 138 18.46 -1.43 -11.84
N LEU B 139 17.85 -2.61 -11.87
CA LEU B 139 16.96 -2.97 -12.96
C LEU B 139 15.58 -2.40 -12.69
N VAL B 140 14.97 -1.84 -13.72
CA VAL B 140 13.67 -1.18 -13.60
C VAL B 140 12.67 -1.92 -14.47
N CYS B 141 11.67 -2.53 -13.84
CA CYS B 141 10.60 -3.24 -14.52
C CYS B 141 9.33 -2.39 -14.42
N LEU B 142 8.93 -1.80 -15.53
CA LEU B 142 7.78 -0.92 -15.58
C LEU B 142 6.60 -1.64 -16.20
N ILE B 143 5.44 -1.56 -15.54
CA ILE B 143 4.28 -2.37 -15.86
C ILE B 143 3.09 -1.42 -16.04
N SER B 144 2.47 -1.45 -17.23
CA SER B 144 1.43 -0.49 -17.56
C SER B 144 0.28 -1.17 -18.28
N ASP B 145 -0.88 -0.49 -18.24
CA ASP B 145 -2.03 -0.81 -19.10
C ASP B 145 -2.64 -2.18 -18.77
N PHE B 146 -2.68 -2.55 -17.50
CA PHE B 146 -3.35 -3.78 -17.10
C PHE B 146 -4.59 -3.47 -16.27
N TYR B 147 -5.57 -4.38 -16.36
CA TYR B 147 -6.84 -4.26 -15.65
C TYR B 147 -7.42 -5.65 -15.43
N PRO B 148 -7.83 -6.00 -14.21
CA PRO B 148 -7.85 -5.19 -12.98
C PRO B 148 -6.46 -4.87 -12.43
N GLY B 149 -6.41 -4.05 -11.39
CA GLY B 149 -5.15 -3.59 -10.84
C GLY B 149 -4.54 -4.53 -9.81
N ALA B 150 -4.10 -5.70 -10.25
CA ALA B 150 -3.44 -6.66 -9.37
C ALA B 150 -2.43 -7.44 -10.18
N VAL B 151 -1.17 -7.41 -9.76
CA VAL B 151 -0.09 -8.11 -10.43
C VAL B 151 0.85 -8.71 -9.39
N THR B 152 1.48 -9.82 -9.76
CA THR B 152 2.56 -10.42 -8.99
C THR B 152 3.85 -10.30 -9.80
N VAL B 153 4.93 -9.89 -9.13
CA VAL B 153 6.20 -9.62 -9.79
C VAL B 153 7.28 -10.50 -9.18
N ALA B 154 7.89 -11.35 -10.00
CA ALA B 154 9.05 -12.14 -9.60
C ALA B 154 10.24 -11.79 -10.49
N TRP B 155 11.43 -11.99 -9.95
CA TRP B 155 12.66 -11.72 -10.67
C TRP B 155 13.49 -12.99 -10.78
N LYS B 156 14.26 -13.09 -11.86
CA LYS B 156 15.14 -14.22 -12.09
C LYS B 156 16.54 -13.74 -12.48
N ALA B 157 17.55 -14.41 -11.95
CA ALA B 157 18.94 -14.21 -12.33
C ALA B 157 19.40 -15.45 -13.08
N ASP B 158 19.64 -15.30 -14.38
CA ASP B 158 19.84 -16.42 -15.30
C ASP B 158 18.58 -17.27 -15.23
N SER B 159 18.65 -18.55 -14.85
CA SER B 159 17.47 -19.38 -14.69
C SER B 159 17.10 -19.59 -13.22
N SER B 160 17.60 -18.73 -12.32
CA SER B 160 17.44 -18.90 -10.89
C SER B 160 16.54 -17.81 -10.31
N PRO B 161 15.77 -18.13 -9.27
CA PRO B 161 14.86 -17.14 -8.69
C PRO B 161 15.60 -16.13 -7.81
N VAL B 162 15.22 -14.87 -7.96
CA VAL B 162 15.76 -13.79 -7.13
C VAL B 162 14.85 -13.61 -5.92
N LYS B 163 15.45 -13.61 -4.72
CA LYS B 163 14.68 -13.54 -3.48
C LYS B 163 15.15 -12.40 -2.57
N ALA B 164 15.84 -11.42 -3.12
CA ALA B 164 16.32 -10.29 -2.32
C ALA B 164 16.62 -9.12 -3.24
N GLY B 165 16.48 -7.91 -2.69
CA GLY B 165 16.74 -6.71 -3.46
C GLY B 165 15.60 -6.28 -4.35
N VAL B 166 14.39 -6.80 -4.13
CA VAL B 166 13.23 -6.51 -4.96
C VAL B 166 12.30 -5.58 -4.20
N GLU B 167 11.87 -4.51 -4.86
CA GLU B 167 10.86 -3.60 -4.31
C GLU B 167 9.82 -3.35 -5.40
N THR B 168 8.55 -3.55 -5.06
CA THR B 168 7.45 -3.41 -6.00
C THR B 168 6.41 -2.47 -5.44
N THR B 169 5.86 -1.62 -6.30
CA THR B 169 4.84 -0.66 -5.91
C THR B 169 3.44 -1.24 -6.04
N THR B 170 2.56 -0.81 -5.16
CA THR B 170 1.14 -1.10 -5.32
C THR B 170 0.63 -0.45 -6.61
N PRO B 171 -0.17 -1.16 -7.41
CA PRO B 171 -0.67 -0.56 -8.66
C PRO B 171 -1.40 0.75 -8.42
N SER B 172 -1.29 1.65 -9.40
CA SER B 172 -1.92 2.95 -9.35
C SER B 172 -2.57 3.23 -10.70
N LYS B 173 -3.70 3.94 -10.65
CA LYS B 173 -4.50 4.15 -11.86
C LYS B 173 -3.83 5.14 -12.80
N GLN B 174 -3.90 4.85 -14.10
CA GLN B 174 -3.53 5.79 -15.13
C GLN B 174 -4.77 6.62 -15.48
N SER B 175 -4.69 7.41 -16.55
CA SER B 175 -5.86 8.19 -16.97
C SER B 175 -6.95 7.28 -17.51
N ASN B 176 -6.57 6.23 -18.24
CA ASN B 176 -7.51 5.39 -18.95
C ASN B 176 -8.11 4.32 -18.05
N ASN B 177 -8.13 4.59 -16.74
CA ASN B 177 -8.74 3.71 -15.75
C ASN B 177 -8.02 2.38 -15.65
N LYS B 178 -7.00 2.18 -16.49
CA LYS B 178 -6.12 1.04 -16.31
C LYS B 178 -5.09 1.35 -15.23
N TYR B 179 -4.33 0.33 -14.85
CA TYR B 179 -3.40 0.44 -13.74
C TYR B 179 -1.97 0.28 -14.21
N ALA B 180 -1.06 0.85 -13.43
CA ALA B 180 0.37 0.80 -13.70
C ALA B 180 1.13 0.47 -12.42
N ALA B 181 2.23 -0.28 -12.57
CA ALA B 181 3.05 -0.67 -11.43
C ALA B 181 4.51 -0.67 -11.85
N SER B 182 5.39 -0.70 -10.86
CA SER B 182 6.83 -0.72 -11.11
C SER B 182 7.51 -1.60 -10.08
N SER B 183 8.58 -2.27 -10.52
CA SER B 183 9.37 -3.12 -9.65
C SER B 183 10.85 -2.84 -9.90
N TYR B 184 11.66 -2.95 -8.85
CA TYR B 184 13.08 -2.63 -8.93
C TYR B 184 13.91 -3.76 -8.34
N LEU B 185 15.00 -4.09 -9.01
CA LEU B 185 15.97 -5.06 -8.52
C LEU B 185 17.30 -4.34 -8.32
N SER B 186 17.64 -4.08 -7.06
CA SER B 186 18.91 -3.44 -6.73
C SER B 186 20.03 -4.48 -6.74
N LEU B 187 21.10 -4.19 -7.47
CA LEU B 187 22.18 -5.14 -7.65
C LEU B 187 23.53 -4.44 -7.50
N THR B 188 24.55 -5.27 -7.27
CA THR B 188 25.95 -4.87 -7.36
C THR B 188 26.40 -4.90 -8.82
N PRO B 189 27.21 -3.94 -9.26
CA PRO B 189 27.77 -4.02 -10.63
C PRO B 189 28.39 -5.36 -10.96
N GLU B 190 29.13 -5.95 -10.01
CA GLU B 190 29.69 -7.28 -10.24
C GLU B 190 28.59 -8.32 -10.39
N GLN B 191 27.53 -8.22 -9.59
CA GLN B 191 26.39 -9.12 -9.74
C GLN B 191 25.73 -8.95 -11.11
N TRP B 192 25.61 -7.70 -11.57
CA TRP B 192 24.98 -7.45 -12.86
C TRP B 192 25.82 -8.00 -14.00
N LYS B 193 27.13 -7.86 -13.93
CA LYS B 193 28.00 -8.24 -15.04
C LYS B 193 28.36 -9.72 -15.04
N SER B 194 28.20 -10.41 -13.91
CA SER B 194 28.62 -11.80 -13.82
C SER B 194 27.57 -12.79 -14.31
N HIS B 195 26.32 -12.36 -14.47
CA HIS B 195 25.25 -13.24 -14.89
C HIS B 195 24.93 -13.04 -16.37
N ARG B 196 24.38 -14.08 -16.99
CA ARG B 196 24.11 -14.03 -18.42
C ARG B 196 22.84 -13.25 -18.74
N SER B 197 21.89 -13.19 -17.81
CA SER B 197 20.66 -12.44 -18.06
C SER B 197 19.91 -12.23 -16.75
N TYR B 198 18.99 -11.27 -16.77
CA TYR B 198 18.05 -11.02 -15.70
C TYR B 198 16.66 -10.84 -16.29
N SER B 199 15.65 -11.25 -15.53
CA SER B 199 14.27 -11.17 -15.99
C SER B 199 13.35 -10.78 -14.86
N CYS B 200 12.36 -9.94 -15.17
CA CYS B 200 11.23 -9.71 -14.28
C CYS B 200 10.01 -10.40 -14.86
N GLN B 201 9.35 -11.22 -14.05
CA GLN B 201 8.16 -11.95 -14.44
C GLN B 201 6.96 -11.35 -13.73
N VAL B 202 6.02 -10.80 -14.51
CA VAL B 202 4.81 -10.20 -13.98
C VAL B 202 3.64 -11.14 -14.28
N THR B 203 2.94 -11.56 -13.23
CA THR B 203 1.77 -12.42 -13.36
C THR B 203 0.52 -11.57 -13.17
N HIS B 204 -0.41 -11.66 -14.12
CA HIS B 204 -1.66 -10.92 -14.06
C HIS B 204 -2.80 -11.85 -14.44
N GLU B 205 -3.66 -12.16 -13.48
CA GLU B 205 -4.78 -13.08 -13.68
C GLU B 205 -4.31 -14.44 -14.18
N GLY B 206 -3.26 -14.96 -13.54
CA GLY B 206 -2.73 -16.27 -13.86
C GLY B 206 -1.81 -16.33 -15.05
N SER B 207 -1.71 -15.27 -15.85
CA SER B 207 -0.86 -15.25 -17.03
C SER B 207 0.40 -14.44 -16.73
N THR B 208 1.54 -14.95 -17.21
CA THR B 208 2.84 -14.39 -16.88
C THR B 208 3.48 -13.76 -18.12
N VAL B 209 3.95 -12.52 -17.97
CA VAL B 209 4.72 -11.83 -18.99
C VAL B 209 6.14 -11.66 -18.48
N GLU B 210 7.12 -12.05 -19.29
CA GLU B 210 8.52 -12.10 -18.87
C GLU B 210 9.38 -11.31 -19.85
N LYS B 211 10.06 -10.28 -19.34
CA LYS B 211 11.03 -9.53 -20.12
C LYS B 211 12.43 -9.77 -19.56
N THR B 212 13.42 -9.75 -20.45
CA THR B 212 14.77 -10.15 -20.12
C THR B 212 15.78 -9.14 -20.65
N VAL B 213 16.82 -8.88 -19.84
CA VAL B 213 17.95 -8.05 -20.25
C VAL B 213 19.24 -8.80 -19.91
N ALA B 214 20.33 -8.39 -20.56
CA ALA B 214 21.61 -9.04 -20.41
C ALA B 214 22.74 -8.03 -20.49
N PRO B 215 23.75 -8.15 -19.61
CA PRO B 215 24.88 -7.21 -19.66
C PRO B 215 25.70 -7.31 -20.92
N THR B 216 25.77 -8.48 -21.54
CA THR B 216 26.57 -8.68 -22.75
C THR B 216 25.85 -8.25 -24.01
N GLU B 217 24.60 -7.81 -23.93
CA GLU B 217 23.83 -7.37 -25.09
C GLU B 217 23.15 -6.05 -24.73
N CYS B 218 23.78 -4.94 -25.12
CA CYS B 218 23.29 -3.62 -24.77
C CYS B 218 21.88 -3.40 -25.30
N SER B 219 20.99 -2.92 -24.42
CA SER B 219 19.62 -2.64 -24.80
C SER B 219 19.01 -1.60 -23.85
#